data_5CUH
#
_entry.id   5CUH
#
_cell.length_a   74.680
_cell.length_b   97.790
_cell.length_c   43.490
_cell.angle_alpha   90.00
_cell.angle_beta   90.00
_cell.angle_gamma   90.00
#
_symmetry.space_group_name_H-M   'P 21 21 2'
#
loop_
_entity.id
_entity.type
_entity.pdbx_description
1 polymer 'Matrix metalloproteinase-9,Matrix metalloproteinase-9'
2 non-polymer 'ZINC ION'
3 non-polymer 'CALCIUM ION'
4 non-polymer (4S)-3-{[4-(4-cyano-2-methylphenyl)piperazin-1-yl]sulfonyl}-N-hydroxy-1,3-thiazolidine-4-carboxamide
5 non-polymer 1,2-ETHANEDIOL
6 non-polymer S-1,2-PROPANEDIOL
7 non-polymer 'DIMETHYL SULFOXIDE'
8 water water
#
_entity_poly.entity_id   1
_entity_poly.type   'polypeptide(L)'
_entity_poly.pdbx_seq_one_letter_code
;GFQTFEGDLKWHHHNITYWIQNYSEDLPRAVIDDAFARAFALWSAVTPLTFTRVYSRDADIVIQFGVAEHGDGYPFDGKD
GLLAHAFPPGPGIQGDAHFDDDELWSLGKGVGYSLFLVAAHEFGHALGLDHSSVPEALMYPMYRFTEGPPLHKDDVNGIR
HLYG
;
_entity_poly.pdbx_strand_id   A,B
#
loop_
_chem_comp.id
_chem_comp.type
_chem_comp.name
_chem_comp.formula
CA non-polymer 'CALCIUM ION' 'Ca 2'
DMS non-polymer 'DIMETHYL SULFOXIDE' 'C2 H6 O S'
EDO non-polymer 1,2-ETHANEDIOL 'C2 H6 O2'
LTQ non-polymer (4S)-3-{[4-(4-cyano-2-methylphenyl)piperazin-1-yl]sulfonyl}-N-hydroxy-1,3-thiazolidine-4-carboxamide 'C16 H21 N5 O4 S2'
PGO non-polymer S-1,2-PROPANEDIOL 'C3 H8 O2'
ZN non-polymer 'ZINC ION' 'Zn 2'
#
# COMPACT_ATOMS: atom_id res chain seq x y z
N GLY A 1 -23.09 -20.08 -20.36
CA GLY A 1 -22.10 -19.43 -19.46
C GLY A 1 -22.55 -18.95 -18.07
N PHE A 2 -23.04 -17.69 -18.03
CA PHE A 2 -23.39 -17.04 -16.77
C PHE A 2 -24.53 -17.78 -16.06
N GLN A 3 -24.58 -17.64 -14.75
CA GLN A 3 -25.72 -18.19 -13.97
C GLN A 3 -26.33 -17.08 -13.11
N THR A 4 -27.63 -17.19 -12.82
CA THR A 4 -28.25 -16.30 -11.82
C THR A 4 -28.61 -17.16 -10.59
N PHE A 5 -29.16 -16.52 -9.55
CA PHE A 5 -29.61 -17.21 -8.33
C PHE A 5 -31.06 -17.67 -8.50
N GLU A 6 -31.46 -18.73 -7.80
CA GLU A 6 -32.84 -19.23 -7.86
C GLU A 6 -33.85 -18.05 -7.75
N GLY A 7 -34.69 -17.89 -8.79
CA GLY A 7 -35.68 -16.80 -8.86
C GLY A 7 -35.20 -15.44 -9.44
N ASP A 8 -34.08 -15.42 -10.18
CA ASP A 8 -33.45 -14.19 -10.70
C ASP A 8 -33.46 -13.04 -9.66
N LEU A 9 -32.86 -13.29 -8.49
CA LEU A 9 -32.80 -12.32 -7.38
C LEU A 9 -32.01 -11.12 -7.84
N LYS A 10 -32.59 -9.95 -7.62
CA LYS A 10 -32.00 -8.75 -8.18
C LYS A 10 -32.50 -7.60 -7.31
N TRP A 11 -31.81 -6.48 -7.39
CA TRP A 11 -32.26 -5.24 -6.77
C TRP A 11 -33.46 -4.65 -7.52
N HIS A 12 -34.41 -4.06 -6.76
CA HIS A 12 -35.63 -3.41 -7.29
C HIS A 12 -35.64 -1.93 -7.11
N HIS A 13 -34.45 -1.34 -7.05
CA HIS A 13 -34.27 0.09 -7.07
C HIS A 13 -32.91 0.35 -7.75
N HIS A 14 -32.70 1.53 -8.33
CA HIS A 14 -31.51 1.77 -9.15
C HIS A 14 -30.37 2.38 -8.31
N ASN A 15 -30.72 3.07 -7.22
CA ASN A 15 -29.68 3.76 -6.46
C ASN A 15 -29.22 2.91 -5.27
N ILE A 16 -28.18 2.10 -5.50
CA ILE A 16 -27.73 1.15 -4.49
C ILE A 16 -26.79 1.90 -3.52
N THR A 17 -26.93 1.62 -2.23
CA THR A 17 -26.04 2.18 -1.25
C THR A 17 -25.13 1.10 -0.67
N TYR A 18 -23.91 1.51 -0.30
CA TYR A 18 -23.02 0.60 0.39
C TYR A 18 -22.37 1.25 1.58
N TRP A 19 -21.99 0.42 2.57
CA TRP A 19 -21.41 0.91 3.80
C TRP A 19 -20.20 0.03 4.09
N ILE A 20 -19.05 0.65 4.26
CA ILE A 20 -17.85 -0.12 4.64
C ILE A 20 -17.86 -0.11 6.19
N GLN A 21 -18.23 -1.22 6.78
CA GLN A 21 -18.49 -1.27 8.21
C GLN A 21 -17.21 -1.26 9.01
N ASN A 22 -16.18 -1.88 8.46
CA ASN A 22 -14.87 -1.91 9.16
C ASN A 22 -13.74 -2.07 8.15
N TYR A 23 -12.50 -2.01 8.63
CA TYR A 23 -11.34 -2.02 7.73
C TYR A 23 -10.30 -2.97 8.18
N SER A 24 -9.74 -3.68 7.22
CA SER A 24 -8.48 -4.39 7.44
C SER A 24 -7.37 -3.39 7.71
N GLU A 25 -6.39 -3.81 8.51
CA GLU A 25 -5.17 -3.01 8.69
C GLU A 25 -4.14 -3.20 7.55
N ASP A 26 -4.41 -4.10 6.61
CA ASP A 26 -3.44 -4.37 5.52
C ASP A 26 -3.15 -3.15 4.63
N LEU A 27 -4.12 -2.23 4.49
CA LEU A 27 -3.96 -1.17 3.56
C LEU A 27 -4.53 0.06 4.21
N PRO A 28 -4.03 1.26 3.84
CA PRO A 28 -4.60 2.50 4.29
C PRO A 28 -6.11 2.58 3.96
N ARG A 29 -6.89 3.20 4.81
CA ARG A 29 -8.34 3.30 4.55
C ARG A 29 -8.65 3.89 3.19
N ALA A 30 -7.94 4.93 2.76
CA ALA A 30 -8.34 5.50 1.50
C ALA A 30 -8.08 4.55 0.31
N VAL A 31 -7.13 3.62 0.48
CA VAL A 31 -6.78 2.66 -0.52
C VAL A 31 -7.87 1.57 -0.58
N ILE A 32 -8.33 1.13 0.59
CA ILE A 32 -9.51 0.23 0.68
C ILE A 32 -10.75 0.88 0.07
N ASP A 33 -11.08 2.10 0.50
CA ASP A 33 -12.26 2.79 -0.12
C ASP A 33 -12.13 2.81 -1.63
N ASP A 34 -10.91 3.12 -2.11
CA ASP A 34 -10.72 3.25 -3.56
C ASP A 34 -10.87 1.91 -4.28
N ALA A 35 -10.35 0.85 -3.69
CA ALA A 35 -10.46 -0.51 -4.22
C ALA A 35 -11.94 -0.87 -4.40
N PHE A 36 -12.75 -0.61 -3.36
CA PHE A 36 -14.21 -0.91 -3.46
C PHE A 36 -14.92 0.03 -4.47
N ALA A 37 -14.58 1.34 -4.46
CA ALA A 37 -15.16 2.30 -5.45
C ALA A 37 -14.88 1.86 -6.89
N ARG A 38 -13.64 1.40 -7.17
CA ARG A 38 -13.24 0.98 -8.50
C ARG A 38 -14.03 -0.30 -8.87
N ALA A 39 -14.15 -1.26 -7.94
CA ALA A 39 -14.98 -2.51 -8.17
C ALA A 39 -16.44 -2.15 -8.46
N PHE A 40 -17.03 -1.21 -7.72
CA PHE A 40 -18.39 -0.72 -8.14
C PHE A 40 -18.44 -0.01 -9.48
N ALA A 41 -17.43 0.80 -9.78
CA ALA A 41 -17.37 1.53 -11.09
C ALA A 41 -17.44 0.52 -12.27
N LEU A 42 -16.92 -0.69 -12.07
CA LEU A 42 -16.93 -1.70 -13.11
C LEU A 42 -18.35 -2.11 -13.45
N TRP A 43 -19.18 -2.24 -12.41
CA TRP A 43 -20.58 -2.68 -12.62
C TRP A 43 -21.53 -1.52 -12.93
N SER A 44 -21.26 -0.35 -12.41
N SER A 44 -21.20 -0.35 -12.42
CA SER A 44 -22.13 0.81 -12.72
CA SER A 44 -21.98 0.87 -12.68
C SER A 44 -22.07 1.14 -14.21
C SER A 44 -22.00 1.25 -14.16
N ALA A 45 -20.91 0.97 -14.88
CA ALA A 45 -20.80 1.35 -16.34
C ALA A 45 -21.70 0.48 -17.22
N VAL A 46 -21.95 -0.74 -16.78
CA VAL A 46 -22.64 -1.74 -17.63
C VAL A 46 -24.04 -2.02 -17.15
N THR A 47 -24.55 -1.23 -16.19
CA THR A 47 -25.92 -1.42 -15.64
C THR A 47 -26.63 -0.10 -15.45
N PRO A 48 -27.96 -0.12 -15.27
CA PRO A 48 -28.59 1.17 -14.86
C PRO A 48 -28.40 1.53 -13.37
N LEU A 49 -27.53 0.82 -12.68
CA LEU A 49 -27.43 1.03 -11.24
C LEU A 49 -26.40 2.12 -10.95
N THR A 50 -26.54 2.81 -9.82
CA THR A 50 -25.47 3.63 -9.31
C THR A 50 -25.13 3.13 -7.92
N PHE A 51 -23.90 3.38 -7.49
CA PHE A 51 -23.48 2.95 -6.18
C PHE A 51 -23.02 4.18 -5.40
N THR A 52 -23.69 4.44 -4.29
CA THR A 52 -23.29 5.57 -3.42
C THR A 52 -22.81 5.04 -2.07
N ARG A 53 -21.62 5.47 -1.67
CA ARG A 53 -21.11 5.20 -0.33
C ARG A 53 -21.90 6.06 0.69
N VAL A 54 -22.43 5.38 1.71
CA VAL A 54 -23.13 6.01 2.82
C VAL A 54 -22.52 5.48 4.14
N TYR A 55 -22.97 6.05 5.25
CA TYR A 55 -22.51 5.62 6.56
C TYR A 55 -23.80 5.31 7.29
N SER A 56 -24.25 4.07 7.10
CA SER A 56 -25.53 3.64 7.67
C SER A 56 -25.61 2.10 7.65
N ARG A 57 -26.04 1.51 8.76
CA ARG A 57 -26.23 0.05 8.79
C ARG A 57 -27.46 -0.38 7.95
N ASP A 58 -28.25 0.61 7.48
CA ASP A 58 -29.37 0.32 6.56
C ASP A 58 -28.90 0.29 5.08
N ALA A 59 -27.58 0.45 4.79
CA ALA A 59 -27.11 0.38 3.37
C ALA A 59 -27.48 -0.96 2.75
N ASP A 60 -27.67 -0.95 1.45
CA ASP A 60 -28.02 -2.23 0.76
C ASP A 60 -26.88 -3.23 0.84
N ILE A 61 -25.66 -2.82 0.48
CA ILE A 61 -24.54 -3.72 0.46
C ILE A 61 -23.65 -3.33 1.66
N VAL A 62 -23.64 -4.18 2.68
CA VAL A 62 -22.77 -3.92 3.84
C VAL A 62 -21.52 -4.77 3.63
N ILE A 63 -20.35 -4.12 3.72
CA ILE A 63 -19.04 -4.73 3.51
C ILE A 63 -18.35 -4.88 4.88
N GLN A 64 -17.80 -6.07 5.14
N GLN A 64 -17.87 -6.10 5.12
CA GLN A 64 -17.13 -6.27 6.40
CA GLN A 64 -17.17 -6.43 6.35
C GLN A 64 -15.95 -7.22 6.22
C GLN A 64 -15.85 -7.10 6.04
N PHE A 65 -14.85 -6.89 6.90
CA PHE A 65 -13.68 -7.80 7.00
C PHE A 65 -13.88 -8.56 8.30
N GLY A 66 -13.63 -9.86 8.26
CA GLY A 66 -13.98 -10.77 9.36
C GLY A 66 -12.95 -11.89 9.36
N VAL A 67 -12.80 -12.56 10.48
CA VAL A 67 -12.06 -13.83 10.48
C VAL A 67 -12.91 -14.92 11.10
N ALA A 68 -12.68 -16.16 10.68
CA ALA A 68 -13.31 -17.33 11.27
C ALA A 68 -14.84 -17.04 11.32
N GLU A 69 -15.53 -17.42 12.42
N GLU A 69 -15.49 -17.37 12.45
CA GLU A 69 -16.95 -17.12 12.57
CA GLU A 69 -16.91 -17.09 12.70
C GLU A 69 -17.11 -15.65 12.87
C GLU A 69 -17.18 -15.61 12.95
N HIS A 70 -17.83 -14.95 11.99
CA HIS A 70 -17.89 -13.48 11.98
C HIS A 70 -19.36 -13.04 11.95
N GLY A 71 -20.27 -13.98 12.21
CA GLY A 71 -21.64 -13.61 12.51
C GLY A 71 -22.75 -14.13 11.63
N ASP A 72 -22.45 -14.89 10.57
CA ASP A 72 -23.52 -15.32 9.65
C ASP A 72 -23.63 -16.80 9.49
N GLY A 73 -22.79 -17.55 10.20
CA GLY A 73 -22.81 -19.00 10.14
C GLY A 73 -22.04 -19.64 9.00
N TYR A 74 -21.36 -18.82 8.19
CA TYR A 74 -20.49 -19.29 7.10
C TYR A 74 -19.12 -18.79 7.47
N PRO A 75 -18.39 -19.56 8.30
CA PRO A 75 -17.14 -19.08 8.84
C PRO A 75 -16.03 -19.01 7.77
N PHE A 76 -15.14 -18.03 7.87
CA PHE A 76 -13.88 -18.08 7.14
C PHE A 76 -12.89 -19.12 7.74
N ASP A 77 -11.75 -19.33 7.08
CA ASP A 77 -10.89 -20.55 7.25
C ASP A 77 -9.40 -20.30 7.42
N GLY A 78 -9.01 -19.12 7.90
CA GLY A 78 -7.61 -18.71 7.88
C GLY A 78 -7.03 -18.36 6.51
N LYS A 79 -5.69 -18.23 6.46
CA LYS A 79 -4.93 -17.83 5.25
C LYS A 79 -5.17 -18.79 4.06
N ASP A 80 -5.28 -18.24 2.85
CA ASP A 80 -5.75 -18.91 1.61
C ASP A 80 -7.10 -19.56 1.77
N GLY A 81 -7.44 -20.56 0.96
CA GLY A 81 -8.76 -21.15 1.00
C GLY A 81 -9.80 -20.13 0.58
N LEU A 82 -10.95 -20.16 1.24
CA LEU A 82 -12.05 -19.23 1.04
C LEU A 82 -11.54 -17.80 1.20
N LEU A 83 -11.74 -16.95 0.20
CA LEU A 83 -11.22 -15.55 0.31
C LEU A 83 -12.21 -14.48 0.80
N ALA A 84 -13.47 -14.70 0.42
CA ALA A 84 -14.53 -13.74 0.51
C ALA A 84 -15.82 -14.40 0.09
N HIS A 85 -16.95 -13.86 0.52
CA HIS A 85 -18.22 -14.39 0.00
C HIS A 85 -19.20 -13.22 0.04
N ALA A 86 -20.25 -13.34 -0.76
CA ALA A 86 -21.29 -12.31 -0.85
C ALA A 86 -22.65 -13.01 -0.93
N PHE A 87 -23.73 -12.31 -0.51
CA PHE A 87 -25.04 -12.84 -0.66
C PHE A 87 -25.78 -12.16 -1.78
N PRO A 88 -26.74 -12.90 -2.42
CA PRO A 88 -27.51 -12.33 -3.51
C PRO A 88 -28.45 -11.18 -3.01
N PRO A 89 -28.93 -10.31 -3.92
CA PRO A 89 -29.67 -9.12 -3.54
C PRO A 89 -30.90 -9.50 -2.75
N GLY A 90 -31.29 -8.58 -1.87
CA GLY A 90 -32.46 -8.80 -1.06
C GLY A 90 -32.22 -8.03 0.24
N PRO A 91 -33.05 -8.29 1.26
CA PRO A 91 -32.95 -7.55 2.51
C PRO A 91 -31.94 -8.08 3.53
N GLY A 92 -31.48 -7.22 4.44
CA GLY A 92 -30.67 -7.64 5.60
C GLY A 92 -29.31 -8.11 5.14
N ILE A 93 -28.90 -9.29 5.58
CA ILE A 93 -27.61 -9.86 5.14
C ILE A 93 -27.55 -10.02 3.61
N GLN A 94 -28.69 -10.24 2.99
CA GLN A 94 -28.69 -10.31 1.53
C GLN A 94 -28.02 -9.07 0.89
N GLY A 95 -27.27 -9.34 -0.18
CA GLY A 95 -26.44 -8.31 -0.81
C GLY A 95 -25.19 -7.90 -0.15
N ASP A 96 -24.89 -8.45 1.02
CA ASP A 96 -23.69 -8.01 1.74
C ASP A 96 -22.45 -8.76 1.26
N ALA A 97 -21.27 -8.18 1.48
CA ALA A 97 -20.05 -8.81 0.98
C ALA A 97 -19.06 -8.85 2.14
N HIS A 98 -18.49 -10.03 2.40
CA HIS A 98 -17.51 -10.19 3.52
C HIS A 98 -16.13 -10.70 3.01
N PHE A 99 -15.03 -10.22 3.60
CA PHE A 99 -13.65 -10.48 3.11
C PHE A 99 -12.86 -11.06 4.27
N ASP A 100 -12.17 -12.18 4.02
CA ASP A 100 -11.40 -12.89 5.09
C ASP A 100 -10.16 -12.08 5.41
N ASP A 101 -10.12 -11.45 6.59
CA ASP A 101 -8.94 -10.69 6.95
C ASP A 101 -7.74 -11.56 7.38
N ASP A 102 -7.87 -12.87 7.36
CA ASP A 102 -6.65 -13.68 7.48
C ASP A 102 -5.86 -13.71 6.16
N GLU A 103 -6.44 -13.15 5.09
CA GLU A 103 -5.71 -12.98 3.88
C GLU A 103 -4.88 -11.73 3.98
N LEU A 104 -3.83 -11.70 3.16
CA LEU A 104 -3.09 -10.50 3.03
C LEU A 104 -3.76 -9.79 1.84
N TRP A 105 -4.36 -8.62 2.08
CA TRP A 105 -5.01 -7.86 1.02
C TRP A 105 -4.00 -6.90 0.44
N SER A 106 -3.93 -6.84 -0.89
CA SER A 106 -2.96 -6.03 -1.64
C SER A 106 -3.66 -5.26 -2.75
N LEU A 107 -2.93 -4.38 -3.42
CA LEU A 107 -3.34 -4.09 -4.79
C LEU A 107 -2.45 -4.76 -5.85
N GLY A 108 -1.24 -5.12 -5.46
CA GLY A 108 -0.22 -5.51 -6.44
C GLY A 108 -0.25 -6.94 -6.98
N LYS A 109 0.76 -7.23 -7.78
CA LYS A 109 1.03 -8.57 -8.31
C LYS A 109 1.46 -9.51 -7.20
N GLY A 110 0.78 -10.66 -7.13
CA GLY A 110 1.27 -11.90 -6.47
C GLY A 110 1.71 -11.93 -5.02
N VAL A 111 1.55 -10.80 -4.32
CA VAL A 111 1.75 -10.70 -2.87
C VAL A 111 0.38 -10.83 -2.17
N GLY A 112 -0.09 -12.06 -1.95
CA GLY A 112 -1.48 -12.21 -1.43
C GLY A 112 -2.55 -11.88 -2.49
N TYR A 113 -3.67 -11.23 -2.11
CA TYR A 113 -4.78 -11.09 -3.09
C TYR A 113 -5.22 -9.70 -3.36
N SER A 114 -5.57 -9.43 -4.63
CA SER A 114 -6.00 -8.11 -5.01
C SER A 114 -7.38 -7.87 -4.41
N LEU A 115 -7.48 -6.88 -3.51
CA LEU A 115 -8.81 -6.51 -2.96
C LEU A 115 -9.74 -5.97 -4.07
N PHE A 116 -9.19 -5.19 -4.99
CA PHE A 116 -10.03 -4.72 -6.07
C PHE A 116 -10.60 -5.94 -6.84
N LEU A 117 -9.77 -6.90 -7.27
CA LEU A 117 -10.33 -7.97 -8.12
C LEU A 117 -11.29 -8.88 -7.36
N VAL A 118 -10.97 -9.18 -6.09
CA VAL A 118 -11.88 -10.02 -5.32
C VAL A 118 -13.22 -9.28 -5.11
N ALA A 119 -13.14 -8.01 -4.78
CA ALA A 119 -14.38 -7.21 -4.59
C ALA A 119 -15.19 -7.17 -5.87
N ALA A 120 -14.51 -7.06 -7.03
CA ALA A 120 -15.26 -7.00 -8.30
C ALA A 120 -16.05 -8.32 -8.47
N HIS A 121 -15.43 -9.48 -8.19
CA HIS A 121 -16.16 -10.80 -8.24
C HIS A 121 -17.29 -10.85 -7.20
N GLU A 122 -16.99 -10.47 -5.94
CA GLU A 122 -18.04 -10.57 -4.88
C GLU A 122 -19.24 -9.62 -5.21
N PHE A 123 -18.94 -8.43 -5.70
CA PHE A 123 -20.03 -7.45 -6.05
C PHE A 123 -20.90 -7.97 -7.21
N GLY A 124 -20.35 -8.81 -8.07
CA GLY A 124 -21.16 -9.49 -9.11
C GLY A 124 -22.20 -10.42 -8.41
N HIS A 125 -21.79 -11.18 -7.37
CA HIS A 125 -22.78 -11.98 -6.55
C HIS A 125 -23.81 -11.06 -5.86
N ALA A 126 -23.33 -9.95 -5.29
CA ALA A 126 -24.21 -8.98 -4.55
C ALA A 126 -25.17 -8.24 -5.53
N LEU A 127 -24.96 -8.34 -6.86
CA LEU A 127 -25.94 -7.82 -7.86
C LEU A 127 -26.82 -8.90 -8.44
N GLY A 128 -26.50 -10.15 -8.18
CA GLY A 128 -27.37 -11.31 -8.56
C GLY A 128 -26.76 -12.29 -9.55
N LEU A 129 -25.47 -12.18 -9.86
CA LEU A 129 -24.85 -13.22 -10.67
C LEU A 129 -24.30 -14.36 -9.80
N ASP A 130 -24.47 -15.60 -10.25
CA ASP A 130 -23.79 -16.70 -9.57
C ASP A 130 -22.55 -17.05 -10.41
N HIS A 131 -22.00 -18.22 -10.20
CA HIS A 131 -20.82 -18.65 -10.93
C HIS A 131 -21.05 -18.96 -12.39
N SER A 132 -20.12 -18.52 -13.25
CA SER A 132 -20.19 -18.75 -14.68
C SER A 132 -19.37 -20.03 -14.96
N SER A 133 -19.72 -20.78 -16.01
CA SER A 133 -18.90 -21.91 -16.44
C SER A 133 -18.01 -21.48 -17.62
N VAL A 134 -18.02 -20.18 -17.97
CA VAL A 134 -17.08 -19.70 -18.97
C VAL A 134 -15.74 -19.28 -18.51
N PRO A 135 -14.71 -20.05 -18.92
CA PRO A 135 -13.37 -19.71 -18.40
C PRO A 135 -13.02 -18.24 -18.75
N GLU A 136 -12.30 -17.58 -17.88
CA GLU A 136 -11.90 -16.17 -18.11
C GLU A 136 -13.01 -15.16 -17.79
N ALA A 137 -14.25 -15.59 -17.59
CA ALA A 137 -15.32 -14.68 -17.08
C ALA A 137 -14.92 -14.24 -15.63
N LEU A 138 -15.23 -13.00 -15.25
N LEU A 138 -15.23 -13.00 -15.27
CA LEU A 138 -14.95 -12.56 -13.87
CA LEU A 138 -14.98 -12.53 -13.90
C LEU A 138 -15.66 -13.49 -12.86
C LEU A 138 -15.68 -13.45 -12.87
N MET A 139 -16.83 -14.00 -13.26
CA MET A 139 -17.63 -14.82 -12.33
C MET A 139 -17.22 -16.35 -12.38
N TYR A 140 -16.24 -16.71 -13.23
CA TYR A 140 -15.72 -18.12 -13.27
C TYR A 140 -14.87 -18.34 -12.02
N PRO A 141 -15.21 -19.33 -11.17
CA PRO A 141 -14.77 -19.35 -9.76
C PRO A 141 -13.33 -19.77 -9.48
N MET A 142 -12.38 -19.05 -10.04
CA MET A 142 -10.98 -19.25 -9.63
C MET A 142 -10.26 -17.88 -9.64
N TYR A 143 -9.32 -17.71 -8.72
CA TYR A 143 -8.54 -16.49 -8.60
C TYR A 143 -7.30 -16.53 -9.49
N ARG A 144 -7.18 -15.55 -10.36
CA ARG A 144 -5.91 -15.36 -11.12
C ARG A 144 -5.73 -13.88 -11.22
N PHE A 145 -4.60 -13.36 -10.73
CA PHE A 145 -4.34 -11.94 -10.80
C PHE A 145 -4.14 -11.56 -12.24
N THR A 146 -4.81 -10.47 -12.63
CA THR A 146 -4.67 -9.89 -13.97
C THR A 146 -4.53 -8.35 -13.93
N GLU A 147 -3.74 -7.82 -14.87
CA GLU A 147 -3.71 -6.37 -15.08
C GLU A 147 -4.69 -5.88 -16.15
N GLY A 148 -5.35 -6.83 -16.84
CA GLY A 148 -6.31 -6.56 -17.92
C GLY A 148 -7.69 -6.22 -17.37
N PRO A 149 -8.59 -5.62 -18.21
CA PRO A 149 -9.95 -5.35 -17.80
C PRO A 149 -10.64 -6.65 -17.35
N PRO A 150 -11.24 -6.65 -16.17
CA PRO A 150 -11.77 -7.90 -15.57
C PRO A 150 -13.05 -8.43 -16.19
N LEU A 151 -13.88 -7.56 -16.78
CA LEU A 151 -15.19 -8.06 -17.27
C LEU A 151 -15.04 -8.71 -18.61
N HIS A 152 -15.78 -9.81 -18.82
CA HIS A 152 -15.79 -10.60 -20.06
C HIS A 152 -17.19 -10.42 -20.61
N LYS A 153 -17.38 -10.72 -21.89
CA LYS A 153 -18.74 -10.73 -22.47
C LYS A 153 -19.75 -11.46 -21.64
N ASP A 154 -19.35 -12.62 -21.09
CA ASP A 154 -20.30 -13.48 -20.35
C ASP A 154 -20.83 -12.76 -19.08
N ASP A 155 -19.95 -12.01 -18.42
CA ASP A 155 -20.41 -11.24 -17.23
C ASP A 155 -21.39 -10.15 -17.64
N VAL A 156 -21.09 -9.49 -18.77
CA VAL A 156 -21.92 -8.38 -19.20
C VAL A 156 -23.30 -8.92 -19.71
N ASN A 157 -23.28 -10.01 -20.46
CA ASN A 157 -24.54 -10.70 -20.82
C ASN A 157 -25.38 -11.07 -19.58
N GLY A 158 -24.71 -11.57 -18.52
CA GLY A 158 -25.44 -11.97 -17.27
C GLY A 158 -26.09 -10.79 -16.64
N ILE A 159 -25.31 -9.69 -16.46
CA ILE A 159 -25.81 -8.55 -15.71
C ILE A 159 -26.93 -7.85 -16.57
N ARG A 160 -26.79 -7.89 -17.92
CA ARG A 160 -27.84 -7.34 -18.80
C ARG A 160 -29.10 -8.22 -18.74
N HIS A 161 -28.96 -9.52 -18.61
CA HIS A 161 -30.09 -10.43 -18.38
C HIS A 161 -30.90 -10.02 -17.13
N LEU A 162 -30.19 -9.60 -16.08
CA LEU A 162 -30.83 -9.15 -14.84
C LEU A 162 -31.34 -7.74 -14.86
N TYR A 163 -30.57 -6.80 -15.39
CA TYR A 163 -30.94 -5.35 -15.26
C TYR A 163 -31.33 -4.60 -16.55
N GLY A 164 -31.05 -5.19 -17.71
CA GLY A 164 -31.61 -4.69 -18.99
C GLY A 164 -30.51 -4.14 -19.88
N GLY B 1 13.14 -3.76 -11.71
CA GLY B 1 12.52 -2.43 -11.48
C GLY B 1 12.35 -2.03 -10.00
N PHE B 2 11.96 -0.76 -9.85
CA PHE B 2 11.66 -0.19 -8.56
C PHE B 2 10.48 -0.94 -7.89
N GLN B 3 10.39 -0.84 -6.57
N GLN B 3 10.43 -0.89 -6.56
CA GLN B 3 9.29 -1.42 -5.81
CA GLN B 3 9.30 -1.41 -5.80
C GLN B 3 8.79 -0.42 -4.77
C GLN B 3 8.75 -0.28 -4.92
N THR B 4 7.48 -0.40 -4.54
CA THR B 4 6.90 0.49 -3.55
C THR B 4 6.45 -0.41 -2.40
N PHE B 5 5.97 0.19 -1.32
CA PHE B 5 5.49 -0.60 -0.18
C PHE B 5 4.01 -0.88 -0.47
N GLU B 6 3.54 -1.99 0.06
CA GLU B 6 2.13 -2.38 -0.05
C GLU B 6 1.16 -1.21 0.20
N GLY B 7 0.28 -0.99 -0.77
CA GLY B 7 -0.67 0.12 -0.71
C GLY B 7 -0.09 1.45 -1.22
N ASP B 8 1.15 1.41 -1.76
CA ASP B 8 1.80 2.57 -2.38
C ASP B 8 1.88 3.70 -1.32
N LEU B 9 2.48 3.40 -0.17
CA LEU B 9 2.55 4.37 0.92
C LEU B 9 3.36 5.57 0.46
N LYS B 10 2.85 6.76 0.75
N LYS B 10 2.85 6.77 0.72
CA LYS B 10 3.43 7.99 0.27
CA LYS B 10 3.46 8.00 0.27
C LYS B 10 2.99 9.12 1.21
C LYS B 10 3.04 9.10 1.24
N TRP B 11 3.74 10.23 1.21
CA TRP B 11 3.32 11.42 1.93
C TRP B 11 2.14 12.06 1.20
N HIS B 12 1.20 12.60 1.96
CA HIS B 12 0.10 13.40 1.37
C HIS B 12 0.14 14.86 1.72
N HIS B 13 1.33 15.43 1.86
CA HIS B 13 1.53 16.84 1.93
C HIS B 13 2.91 17.08 1.30
N HIS B 14 3.17 18.28 0.83
CA HIS B 14 4.39 18.61 0.05
C HIS B 14 5.54 19.17 0.89
N ASN B 15 5.25 19.84 2.02
N ASN B 15 5.17 19.73 2.05
CA ASN B 15 6.35 20.43 2.81
CA ASN B 15 6.10 20.33 2.98
C ASN B 15 6.72 19.50 3.98
C ASN B 15 6.58 19.30 4.02
N ILE B 16 7.65 18.56 3.70
CA ILE B 16 8.12 17.53 4.62
C ILE B 16 9.10 18.17 5.63
N THR B 17 8.95 17.81 6.89
CA THR B 17 9.83 18.30 7.91
C THR B 17 10.67 17.14 8.44
N TYR B 18 11.90 17.49 8.83
CA TYR B 18 12.74 16.53 9.46
C TYR B 18 13.38 17.08 10.74
N TRP B 19 13.70 16.16 11.64
CA TRP B 19 14.34 16.53 12.90
C TRP B 19 15.55 15.64 13.11
N ILE B 20 16.74 16.26 13.25
CA ILE B 20 17.92 15.50 13.61
C ILE B 20 17.94 15.43 15.13
N GLN B 21 17.47 14.33 15.66
CA GLN B 21 17.25 14.13 17.12
C GLN B 21 18.52 14.08 17.91
N ASN B 22 19.56 13.49 17.37
CA ASN B 22 20.85 13.39 18.11
C ASN B 22 21.95 13.22 17.06
N TYR B 23 23.21 13.18 17.50
CA TYR B 23 24.34 13.22 16.59
C TYR B 23 25.30 12.08 16.96
N SER B 24 25.94 11.49 15.96
CA SER B 24 27.15 10.69 16.15
C SER B 24 28.34 11.61 16.48
N GLU B 25 29.29 11.13 17.27
N GLU B 25 29.27 11.12 17.28
CA GLU B 25 30.57 11.88 17.45
CA GLU B 25 30.56 11.79 17.50
C GLU B 25 31.55 11.65 16.33
C GLU B 25 31.62 11.30 16.52
N ASP B 26 31.18 10.78 15.37
CA ASP B 26 32.09 10.47 14.29
C ASP B 26 32.46 11.62 13.41
N LEU B 27 31.58 12.62 13.30
CA LEU B 27 31.76 13.78 12.38
C LEU B 27 31.27 15.03 13.09
N PRO B 28 31.80 16.22 12.72
CA PRO B 28 31.30 17.49 13.30
C PRO B 28 29.78 17.64 13.06
N ARG B 29 29.09 18.25 14.01
CA ARG B 29 27.67 18.46 13.85
C ARG B 29 27.28 19.13 12.51
N ALA B 30 28.03 20.15 12.09
CA ALA B 30 27.71 20.93 10.89
C ALA B 30 27.91 20.09 9.61
N VAL B 31 28.89 19.18 9.62
CA VAL B 31 29.11 18.22 8.55
C VAL B 31 27.96 17.17 8.47
N ILE B 32 27.43 16.73 9.62
CA ILE B 32 26.27 15.84 9.61
C ILE B 32 25.05 16.57 9.08
N ASP B 33 24.79 17.79 9.55
CA ASP B 33 23.62 18.55 9.08
C ASP B 33 23.68 18.67 7.56
N ASP B 34 24.87 18.99 7.07
CA ASP B 34 25.07 19.13 5.63
C ASP B 34 24.91 17.81 4.83
N ALA B 35 25.41 16.66 5.34
CA ALA B 35 25.25 15.37 4.66
C ALA B 35 23.73 15.10 4.50
N PHE B 36 22.96 15.35 5.56
CA PHE B 36 21.49 15.05 5.49
C PHE B 36 20.82 16.06 4.53
N ALA B 37 21.19 17.35 4.66
CA ALA B 37 20.65 18.36 3.70
C ALA B 37 20.88 18.02 2.23
N ARG B 38 22.11 17.59 1.87
CA ARG B 38 22.43 17.24 0.45
C ARG B 38 21.66 15.98 0.05
N ALA B 39 21.56 15.01 0.96
CA ALA B 39 20.71 13.80 0.69
C ALA B 39 19.24 14.16 0.38
N PHE B 40 18.69 15.09 1.15
CA PHE B 40 17.35 15.58 0.83
C PHE B 40 17.24 16.32 -0.46
N ALA B 41 18.27 17.10 -0.77
CA ALA B 41 18.38 17.86 -2.05
C ALA B 41 18.32 16.93 -3.29
N LEU B 42 18.81 15.70 -3.16
N LEU B 42 18.82 15.69 -3.17
CA LEU B 42 18.77 14.76 -4.29
CA LEU B 42 18.70 14.68 -4.26
C LEU B 42 17.36 14.20 -4.57
C LEU B 42 17.27 14.46 -4.62
N TRP B 43 16.49 14.19 -3.57
CA TRP B 43 15.11 13.83 -3.75
C TRP B 43 14.21 15.02 -4.01
N SER B 44 14.50 16.19 -3.43
N SER B 44 14.57 16.17 -3.45
CA SER B 44 13.62 17.33 -3.66
CA SER B 44 13.77 17.36 -3.62
C SER B 44 13.66 17.79 -5.16
C SER B 44 13.72 17.83 -5.09
N ALA B 45 14.80 17.61 -5.84
CA ALA B 45 14.87 18.05 -7.26
C ALA B 45 13.95 17.23 -8.20
N VAL B 46 13.65 16.00 -7.80
CA VAL B 46 12.89 15.07 -8.64
C VAL B 46 11.44 14.78 -8.18
N THR B 47 10.98 15.52 -7.17
CA THR B 47 9.62 15.34 -6.58
C THR B 47 8.98 16.70 -6.40
N PRO B 48 7.65 16.76 -6.10
CA PRO B 48 7.10 18.05 -5.69
C PRO B 48 7.28 18.37 -4.20
N LEU B 49 8.20 17.71 -3.51
CA LEU B 49 8.31 17.89 -2.06
C LEU B 49 9.41 18.89 -1.75
N THR B 50 9.32 19.50 -0.56
CA THR B 50 10.41 20.25 -0.02
C THR B 50 10.68 19.61 1.35
N PHE B 51 11.87 19.85 1.86
CA PHE B 51 12.30 19.28 3.13
C PHE B 51 12.83 20.45 4.00
N THR B 52 12.28 20.58 5.19
CA THR B 52 12.60 21.72 6.08
C THR B 52 13.03 21.14 7.39
N ARG B 53 14.16 21.65 7.92
CA ARG B 53 14.71 21.10 9.16
C ARG B 53 13.90 21.76 10.28
N VAL B 54 13.50 20.98 11.28
CA VAL B 54 12.77 21.53 12.41
C VAL B 54 13.33 20.87 13.66
N TYR B 55 12.79 21.27 14.82
CA TYR B 55 13.35 20.82 16.07
C TYR B 55 12.32 20.20 16.98
N SER B 56 11.45 19.37 16.42
CA SER B 56 10.46 18.78 17.31
C SER B 56 10.05 17.39 16.92
N ARG B 57 9.50 16.68 17.90
N ARG B 57 9.49 16.65 17.89
CA ARG B 57 9.01 15.33 17.73
CA ARG B 57 8.98 15.28 17.68
C ARG B 57 7.84 15.20 16.75
C ARG B 57 7.86 15.20 16.66
N ASP B 58 7.26 16.34 16.33
CA ASP B 58 6.19 16.37 15.30
C ASP B 58 6.75 16.33 13.85
N ALA B 59 8.06 16.43 13.64
CA ALA B 59 8.64 16.29 12.30
C ALA B 59 8.12 15.01 11.65
N ASP B 60 8.00 15.06 10.32
CA ASP B 60 7.67 13.85 9.59
C ASP B 60 8.79 12.79 9.64
N ILE B 61 10.00 13.21 9.30
CA ILE B 61 11.12 12.27 9.22
C ILE B 61 12.01 12.57 10.44
N VAL B 62 11.97 11.71 11.44
CA VAL B 62 12.84 11.91 12.64
C VAL B 62 14.06 11.02 12.42
N ILE B 63 15.25 11.62 12.50
CA ILE B 63 16.53 10.95 12.22
C ILE B 63 17.19 10.67 13.57
N GLN B 64 17.66 9.44 13.81
N GLN B 64 17.62 9.41 13.80
CA GLN B 64 18.24 9.08 15.12
CA GLN B 64 18.20 8.98 15.08
C GLN B 64 19.52 8.30 14.80
C GLN B 64 19.51 8.23 14.82
N PHE B 65 20.56 8.50 15.60
CA PHE B 65 21.72 7.57 15.64
C PHE B 65 21.47 6.69 16.88
N GLY B 66 21.65 5.37 16.74
CA GLY B 66 21.17 4.33 17.68
C GLY B 66 22.12 3.13 17.66
N VAL B 67 22.10 2.34 18.74
CA VAL B 67 22.80 1.05 18.79
C VAL B 67 21.90 -0.08 19.29
N ALA B 68 22.22 -1.29 18.84
CA ALA B 68 21.56 -2.51 19.28
C ALA B 68 20.04 -2.28 19.31
N GLU B 69 19.37 -2.68 20.39
CA GLU B 69 17.91 -2.44 20.50
C GLU B 69 17.75 -0.95 20.86
N HIS B 70 17.06 -0.18 19.99
CA HIS B 70 17.07 1.29 20.15
C HIS B 70 15.64 1.85 20.12
N GLY B 71 14.67 0.94 20.30
CA GLY B 71 13.32 1.31 20.70
C GLY B 71 12.21 0.92 19.74
N ASP B 72 12.54 0.29 18.61
CA ASP B 72 11.50 -0.04 17.61
C ASP B 72 11.32 -1.52 17.33
N GLY B 73 12.00 -2.34 18.14
CA GLY B 73 12.00 -3.83 17.98
C GLY B 73 12.75 -4.37 16.78
N TYR B 74 13.51 -3.51 16.08
CA TYR B 74 14.33 -3.93 14.95
C TYR B 74 15.78 -3.56 15.25
N PRO B 75 16.47 -4.38 16.05
CA PRO B 75 17.74 -3.94 16.61
C PRO B 75 18.85 -3.89 15.57
N PHE B 76 19.82 -3.01 15.83
CA PHE B 76 21.01 -2.99 15.04
C PHE B 76 21.95 -4.08 15.62
N ASP B 77 23.10 -4.27 14.99
CA ASP B 77 23.84 -5.50 15.24
C ASP B 77 25.34 -5.23 15.41
N GLY B 78 25.78 -4.06 15.89
CA GLY B 78 27.22 -3.82 16.00
C GLY B 78 27.82 -3.44 14.66
N LYS B 79 29.16 -3.38 14.57
N LYS B 79 29.15 -3.40 14.57
CA LYS B 79 29.84 -2.92 13.37
CA LYS B 79 29.86 -2.95 13.36
C LYS B 79 29.51 -3.79 12.15
C LYS B 79 29.55 -3.79 12.12
N ASP B 80 29.33 -3.12 10.99
CA ASP B 80 29.00 -3.78 9.65
C ASP B 80 27.66 -4.46 9.69
N GLY B 81 27.31 -5.26 8.67
CA GLY B 81 25.96 -5.84 8.67
C GLY B 81 24.94 -4.74 8.37
N LEU B 82 23.90 -4.67 9.21
CA LEU B 82 22.85 -3.63 9.07
C LEU B 82 23.50 -2.23 9.34
N LEU B 83 23.43 -1.28 8.41
CA LEU B 83 24.02 0.05 8.62
C LEU B 83 23.00 1.09 9.11
N ALA B 84 21.75 0.90 8.68
CA ALA B 84 20.67 1.89 8.91
C ALA B 84 19.38 1.26 8.44
N HIS B 85 18.23 1.80 8.85
CA HIS B 85 16.98 1.37 8.25
C HIS B 85 16.03 2.56 8.33
N ALA B 86 14.94 2.46 7.57
CA ALA B 86 13.99 3.58 7.57
C ALA B 86 12.62 3.02 7.33
N PHE B 87 11.57 3.75 7.74
CA PHE B 87 10.23 3.25 7.64
C PHE B 87 9.50 4.04 6.53
N PRO B 88 8.55 3.36 5.84
CA PRO B 88 7.80 4.02 4.78
C PRO B 88 6.93 5.17 5.34
N PRO B 89 6.43 6.11 4.48
CA PRO B 89 5.68 7.29 4.98
C PRO B 89 4.45 6.94 5.78
N GLY B 90 4.13 7.83 6.71
CA GLY B 90 2.92 7.65 7.50
C GLY B 90 3.24 8.22 8.88
N PRO B 91 2.39 7.94 9.86
CA PRO B 91 2.52 8.67 11.16
C PRO B 91 3.53 8.08 12.12
N GLY B 92 4.01 8.90 13.05
CA GLY B 92 4.77 8.32 14.18
C GLY B 92 6.11 7.82 13.69
N ILE B 93 6.45 6.59 14.05
CA ILE B 93 7.75 6.02 13.58
C ILE B 93 7.84 5.92 12.04
N GLN B 94 6.69 5.87 11.36
N GLN B 94 6.70 5.91 11.37
CA GLN B 94 6.70 5.83 9.90
CA GLN B 94 6.74 5.88 9.92
C GLN B 94 7.41 7.08 9.39
C GLN B 94 7.40 7.11 9.37
N GLY B 95 8.16 6.91 8.31
CA GLY B 95 8.98 8.00 7.78
C GLY B 95 10.30 8.20 8.47
N ASP B 96 10.56 7.53 9.59
CA ASP B 96 11.78 7.89 10.35
C ASP B 96 12.96 7.10 9.81
N ALA B 97 14.17 7.60 10.07
CA ALA B 97 15.41 7.00 9.51
C ALA B 97 16.40 6.84 10.68
N HIS B 98 16.89 5.63 10.87
CA HIS B 98 17.80 5.36 12.01
C HIS B 98 19.11 4.87 11.45
N PHE B 99 20.17 5.31 12.07
CA PHE B 99 21.56 5.00 11.62
C PHE B 99 22.30 4.31 12.78
N ASP B 100 22.99 3.22 12.44
CA ASP B 100 23.66 2.37 13.45
C ASP B 100 24.93 3.11 13.81
N ASP B 101 24.97 3.69 15.01
CA ASP B 101 26.20 4.37 15.41
C ASP B 101 27.33 3.37 15.83
N ASP B 102 27.09 2.08 15.78
CA ASP B 102 28.26 1.13 15.87
C ASP B 102 29.08 1.11 14.56
N GLU B 103 28.54 1.74 13.50
CA GLU B 103 29.31 2.05 12.30
C GLU B 103 30.26 3.23 12.51
N LEU B 104 31.38 3.25 11.79
CA LEU B 104 32.13 4.54 11.68
C LEU B 104 31.57 5.38 10.51
N TRP B 105 30.84 6.45 10.84
CA TRP B 105 30.29 7.33 9.81
C TRP B 105 31.36 8.31 9.32
N SER B 106 31.47 8.44 8.01
CA SER B 106 32.50 9.33 7.39
C SER B 106 31.91 9.91 6.10
N LEU B 107 32.73 10.62 5.33
CA LEU B 107 32.27 11.13 4.05
C LEU B 107 33.27 10.85 2.96
N GLY B 108 34.52 10.56 3.31
CA GLY B 108 35.47 10.29 2.19
C GLY B 108 35.58 8.84 1.74
N LYS B 109 36.20 8.62 0.59
CA LYS B 109 36.62 7.27 0.22
C LYS B 109 37.54 6.70 1.31
N GLY B 110 37.37 5.42 1.58
CA GLY B 110 38.39 4.65 2.28
C GLY B 110 38.08 4.18 3.68
N VAL B 111 37.39 5.01 4.42
CA VAL B 111 37.35 4.85 5.83
C VAL B 111 35.84 4.76 6.17
N GLY B 112 35.33 3.79 6.93
CA GLY B 112 33.91 3.87 7.37
C GLY B 112 32.86 3.84 6.24
N TYR B 113 31.62 4.25 6.55
CA TYR B 113 30.54 4.33 5.53
C TYR B 113 30.12 5.77 5.31
N SER B 114 29.82 6.18 4.06
CA SER B 114 29.40 7.57 3.76
C SER B 114 28.03 7.87 4.38
N LEU B 115 27.97 8.78 5.33
CA LEU B 115 26.68 9.20 5.89
C LEU B 115 25.73 9.80 4.79
N PHE B 116 26.25 10.66 3.91
CA PHE B 116 25.53 11.17 2.77
C PHE B 116 24.93 10.03 1.89
N LEU B 117 25.76 9.08 1.44
CA LEU B 117 25.19 8.07 0.50
C LEU B 117 24.16 7.19 1.23
N VAL B 118 24.45 6.78 2.49
CA VAL B 118 23.51 5.91 3.23
C VAL B 118 22.23 6.70 3.47
N ALA B 119 22.33 7.97 3.86
CA ALA B 119 21.13 8.78 4.09
C ALA B 119 20.30 8.92 2.79
N ALA B 120 20.97 9.07 1.64
CA ALA B 120 20.26 9.23 0.38
C ALA B 120 19.39 7.95 0.14
N HIS B 121 19.96 6.78 0.40
CA HIS B 121 19.27 5.50 0.27
C HIS B 121 18.13 5.41 1.29
N GLU B 122 18.42 5.61 2.59
CA GLU B 122 17.34 5.59 3.60
C GLU B 122 16.19 6.59 3.34
N PHE B 123 16.53 7.78 2.85
CA PHE B 123 15.47 8.79 2.61
C PHE B 123 14.56 8.37 1.44
N GLY B 124 15.09 7.54 0.51
CA GLY B 124 14.22 6.91 -0.51
C GLY B 124 13.18 6.03 0.16
N HIS B 125 13.58 5.19 1.14
CA HIS B 125 12.57 4.40 1.90
C HIS B 125 11.54 5.32 2.65
N ALA B 126 12.03 6.43 3.22
CA ALA B 126 11.19 7.39 4.01
C ALA B 126 10.23 8.15 3.15
N LEU B 127 10.46 8.10 1.82
CA LEU B 127 9.55 8.67 0.81
C LEU B 127 8.65 7.61 0.17
N GLY B 128 8.96 6.35 0.36
CA GLY B 128 8.05 5.22 -0.01
C GLY B 128 8.63 4.28 -1.08
N LEU B 129 9.95 4.33 -1.33
CA LEU B 129 10.53 3.35 -2.23
C LEU B 129 11.05 2.18 -1.41
N ASP B 130 10.77 0.96 -1.89
CA ASP B 130 11.37 -0.25 -1.31
C ASP B 130 12.62 -0.60 -2.11
N HIS B 131 13.19 -1.79 -1.92
CA HIS B 131 14.42 -2.12 -2.65
C HIS B 131 14.13 -2.42 -4.11
N SER B 132 15.06 -2.01 -4.98
CA SER B 132 14.96 -2.21 -6.40
C SER B 132 15.67 -3.53 -6.75
N SER B 133 15.26 -4.15 -7.88
CA SER B 133 16.02 -5.29 -8.42
C SER B 133 17.05 -4.89 -9.46
N VAL B 134 17.15 -3.58 -9.78
CA VAL B 134 18.10 -3.11 -10.80
C VAL B 134 19.44 -2.82 -10.13
N PRO B 135 20.54 -3.53 -10.50
CA PRO B 135 21.79 -3.37 -9.77
C PRO B 135 22.33 -1.95 -9.71
N GLU B 136 22.06 -1.12 -10.71
CA GLU B 136 22.68 0.24 -10.66
C GLU B 136 21.93 1.25 -9.76
N ALA B 137 20.75 0.88 -9.25
CA ALA B 137 19.83 1.84 -8.60
C ALA B 137 20.31 2.19 -7.18
N LEU B 138 20.07 3.43 -6.77
CA LEU B 138 20.33 3.83 -5.42
C LEU B 138 19.54 2.89 -4.44
N MET B 139 18.36 2.41 -4.85
CA MET B 139 17.53 1.52 -3.95
C MET B 139 17.85 0.04 -4.08
N TYR B 140 18.86 -0.28 -4.88
CA TYR B 140 19.40 -1.64 -4.92
C TYR B 140 20.30 -1.87 -3.70
N PRO B 141 20.01 -2.88 -2.87
CA PRO B 141 20.51 -2.90 -1.47
C PRO B 141 21.92 -3.39 -1.36
N MET B 142 22.83 -2.64 -1.98
CA MET B 142 24.19 -2.92 -1.72
C MET B 142 24.97 -1.64 -1.54
N TYR B 143 25.74 -1.58 -0.49
CA TYR B 143 26.54 -0.43 -0.17
C TYR B 143 27.61 -0.32 -1.23
N ARG B 144 27.73 0.86 -1.84
CA ARG B 144 28.95 1.21 -2.59
C ARG B 144 29.30 2.65 -2.40
N PHE B 145 30.59 2.94 -2.40
CA PHE B 145 31.03 4.31 -2.33
C PHE B 145 31.21 4.80 -3.73
N THR B 146 30.63 5.96 -4.02
CA THR B 146 30.75 6.58 -5.32
C THR B 146 30.90 8.09 -5.13
N GLU B 147 31.58 8.68 -6.09
CA GLU B 147 31.75 10.12 -6.19
C GLU B 147 30.70 10.63 -7.16
N GLY B 148 30.04 9.70 -7.86
CA GLY B 148 29.13 9.98 -8.99
C GLY B 148 27.74 10.36 -8.52
N PRO B 149 26.91 10.95 -9.41
CA PRO B 149 25.53 11.21 -9.01
C PRO B 149 24.80 9.89 -8.55
N PRO B 150 24.23 9.86 -7.32
CA PRO B 150 23.66 8.61 -6.78
C PRO B 150 22.34 8.14 -7.45
N LEU B 151 21.50 9.06 -7.98
CA LEU B 151 20.21 8.57 -8.48
C LEU B 151 20.33 7.85 -9.80
N HIS B 152 19.51 6.84 -10.03
CA HIS B 152 19.48 6.12 -11.32
C HIS B 152 18.06 6.29 -11.87
N LYS B 153 17.89 6.12 -13.19
CA LYS B 153 16.57 6.06 -13.82
C LYS B 153 15.55 5.32 -13.00
N ASP B 154 15.92 4.14 -12.49
CA ASP B 154 14.92 3.30 -11.79
C ASP B 154 14.40 3.97 -10.50
N ASP B 155 15.27 4.67 -9.79
CA ASP B 155 14.84 5.41 -8.60
C ASP B 155 13.91 6.58 -8.95
N VAL B 156 14.21 7.27 -10.08
CA VAL B 156 13.41 8.44 -10.49
C VAL B 156 12.07 7.93 -11.02
N ASN B 157 12.10 6.87 -11.82
CA ASN B 157 10.84 6.19 -12.22
C ASN B 157 9.93 5.85 -11.05
N GLY B 158 10.53 5.22 -10.03
CA GLY B 158 9.78 4.88 -8.85
C GLY B 158 9.22 6.06 -8.10
N ILE B 159 10.05 7.10 -7.91
CA ILE B 159 9.55 8.27 -7.23
C ILE B 159 8.42 9.02 -7.99
N ARG B 160 8.52 9.05 -9.33
N ARG B 160 8.54 9.05 -9.33
CA ARG B 160 7.44 9.64 -10.12
CA ARG B 160 7.48 9.58 -10.19
C ARG B 160 6.18 8.76 -10.15
C ARG B 160 6.19 8.76 -10.07
N HIS B 161 6.34 7.44 -9.98
CA HIS B 161 5.17 6.53 -9.82
C HIS B 161 4.37 6.99 -8.57
N LEU B 162 5.10 7.36 -7.50
CA LEU B 162 4.45 7.75 -6.26
C LEU B 162 3.92 9.19 -6.31
N TYR B 163 4.73 10.13 -6.78
CA TYR B 163 4.44 11.53 -6.61
C TYR B 163 4.04 12.31 -7.87
N GLY B 164 4.20 11.66 -9.01
CA GLY B 164 3.78 12.28 -10.28
C GLY B 164 5.02 12.61 -11.11
ZN ZN C . -17.91 -16.39 -6.23
ZN ZN D . -19.74 -13.79 6.03
CA CA E . -27.82 -6.05 2.65
CA CA F . -5.20 -9.40 6.67
CA CA G . -9.25 -17.79 3.83
O24 LTQ H . -16.89 -17.63 -4.95
C23 LTQ H . -16.60 -17.47 -3.75
N25 LTQ H . -16.92 -16.34 -3.18
O26 LTQ H . -17.60 -15.47 -4.03
C19 LTQ H . -15.82 -18.49 -2.92
C20 LTQ H . -16.66 -19.73 -2.65
S21 LTQ H . -16.33 -20.78 -4.07
C22 LTQ H . -14.75 -20.08 -4.44
N18 LTQ H . -14.56 -18.90 -3.58
S13 LTQ H . -13.19 -18.07 -3.38
O16 LTQ H . -13.10 -17.34 -2.12
O17 LTQ H . -12.18 -19.07 -3.57
N10 LTQ H . -13.14 -17.07 -4.59
C11 LTQ H . -13.77 -15.73 -4.55
C12 LTQ H . -12.90 -14.72 -5.28
C09 LTQ H . -12.71 -17.62 -5.88
C08 LTQ H . -12.18 -16.56 -6.84
N07 LTQ H . -12.56 -15.18 -6.62
C04 LTQ H . -12.26 -14.32 -7.70
C05 LTQ H . -11.44 -13.22 -7.39
C06 LTQ H . -11.00 -12.33 -8.39
C03 LTQ H . -12.61 -14.51 -9.06
C15 LTQ H . -13.44 -15.64 -9.57
C02 LTQ H . -12.18 -13.65 -10.06
C01 LTQ H . -11.39 -12.54 -9.72
C14 LTQ H . -10.91 -11.78 -10.62
N27 LTQ H . -10.50 -11.08 -11.46
C1 EDO I . -26.86 -21.24 7.68
O1 EDO I . -25.49 -21.67 7.71
C2 EDO I . -27.31 -21.05 9.11
O2 EDO I . -26.58 -19.92 9.62
C1 EDO J . -3.85 -17.60 11.33
O1 EDO J . -5.23 -17.34 11.59
C2 EDO J . -3.62 -17.40 9.85
O2 EDO J . -4.27 -18.47 9.15
C1 PGO K . -23.89 -18.23 1.36
C2 PGO K . -22.56 -17.65 1.89
C3 PGO K . -22.35 -16.20 1.51
O1 PGO K . -24.41 -17.51 0.23
O2 PGO K . -21.46 -18.46 1.40
ZN ZN L . 17.34 -0.14 2.09
ZN ZN M . 15.34 1.58 14.19
CA CA N . 7.71 9.99 11.34
CA CA O . 29.95 5.52 15.22
CA CA P . 25.65 -2.56 12.02
O24 LTQ Q . 18.47 -1.45 3.11
C23 LTQ Q . 18.71 -1.29 4.30
N25 LTQ Q . 18.38 -0.17 4.91
O26 LTQ Q . 17.59 0.60 4.13
C19 LTQ Q . 19.42 -2.30 5.17
C20 LTQ Q . 18.49 -3.50 5.46
S21 LTQ Q . 19.19 -4.77 4.45
C22 LTQ Q . 20.62 -4.00 3.84
N18 LTQ Q . 20.70 -2.73 4.58
S13 LTQ Q . 22.09 -1.97 4.74
O16 LTQ Q . 22.09 -1.31 6.02
O17 LTQ Q . 23.03 -3.08 4.63
N10 LTQ Q . 22.29 -0.93 3.62
C11 LTQ Q . 21.69 0.42 3.72
C12 LTQ Q . 22.55 1.44 2.98
C09 LTQ Q . 22.96 -1.38 2.42
C08 LTQ Q . 22.67 -0.46 1.28
N07 LTQ Q . 22.74 0.95 1.62
C04 LTQ Q . 23.17 1.83 0.63
C05 LTQ Q . 24.08 2.84 1.07
C06 LTQ Q . 24.64 3.70 0.15
C03 LTQ Q . 22.85 1.74 -0.73
C15 LTQ Q . 21.94 0.71 -1.39
C02 LTQ Q . 23.38 2.62 -1.65
C01 LTQ Q . 24.26 3.60 -1.21
C14 LTQ Q . 24.71 4.36 -2.11
N27 LTQ Q . 25.14 5.09 -2.94
C1 EDO R . 9.50 -6.47 15.53
O1 EDO R . 9.25 -7.67 14.76
C2 EDO R . 8.21 -5.72 15.75
O2 EDO R . 8.40 -4.65 16.68
C1 EDO S . 24.58 -6.43 20.03
O1 EDO S . 24.57 -7.58 19.18
C2 EDO S . 24.85 -5.20 19.17
O2 EDO S . 25.75 -4.31 19.83
S DMS T . 12.16 -1.19 9.39
O DMS T . 11.02 -2.13 9.17
C1 DMS T . 13.44 -2.11 10.01
C2 DMS T . 12.82 -0.78 7.88
C1 PGO U . 30.86 21.20 5.20
C2 PGO U . 30.03 22.42 5.53
C3 PGO U . 29.44 22.33 6.94
O1 PGO U . 32.14 21.34 5.82
O2 PGO U . 29.03 22.49 4.50
#